data_8CZU
#
_entry.id   8CZU
#
_cell.length_a   100.443
_cell.length_b   57.312
_cell.length_c   49.682
_cell.angle_alpha   90.000
_cell.angle_beta   112.210
_cell.angle_gamma   90.000
#
_symmetry.space_group_name_H-M   'C 1 2 1'
#
loop_
_entity.id
_entity.type
_entity.pdbx_description
1 polymer '3C-like proteinase'
2 non-polymer '[(1~{S},2~{S})-2-(cyclohexylmethyl)cyclopropyl]methyl ~{N}-[(2~{S})-1-[[(2~{S})-1-[bis(oxidanyl)-oxidanylidene-$l^{5}-sulfanyl]-1-oxidanyl-3-[(3~{R})-2-oxidanylidene-3,4-dihydropyrrol-3-yl]propan-2-yl]amino]-4-methyl-1-oxidanylidene-pentan-2-yl]carbamate'
#
_entity_poly.entity_id   1
_entity_poly.type   'polypeptide(L)'
_entity_poly.pdbx_seq_one_letter_code
;MHHHHHHSGLVKMSHPSGDVEACMVQVTCGSMTLNGLWLDNTVWCPRHVMCPADQLSDPNYDALLISMTNHSFSVQKHIG
APANLRVVGHAMQGTLLKLTVDVANPSTPAYTFTTVKPGAAFSVLACYNGRPTGTFTVVMRPNYTIKGSFLCGSCGSVGY
TKEGSVINFCYMHQMELANGTHTGSAFDGTMYGAFMDKQVHQVQLTDKYCSVNVVAWLYAAILNGCAWFVKPNRTSVVSF
NEWALANQFTEFVGTQSVDMLAVKTGVAIEQLLYAIQQLYTGFQGKQILGSTMLEDEFTPEDVNMQIMGVVMQ
;
_entity_poly.pdbx_strand_id   A
#
# COMPACT_ATOMS: atom_id res chain seq x y z
N HIS A 6 3.09 -15.25 25.45
CA HIS A 6 3.48 -13.82 25.50
C HIS A 6 3.10 -13.11 24.20
N HIS A 7 2.81 -11.82 24.31
CA HIS A 7 2.36 -11.00 23.20
C HIS A 7 3.42 -9.97 22.84
N SER A 8 3.62 -9.76 21.53
CA SER A 8 4.66 -8.88 21.04
C SER A 8 4.31 -7.40 21.17
N GLY A 9 3.04 -7.08 21.41
CA GLY A 9 2.62 -5.70 21.36
C GLY A 9 2.58 -5.13 19.97
N LEU A 10 2.57 -5.99 18.94
CA LEU A 10 2.53 -5.57 17.55
C LEU A 10 1.17 -5.90 16.96
N VAL A 11 0.48 -4.87 16.47
CA VAL A 11 -0.75 -5.03 15.71
C VAL A 11 -0.60 -4.28 14.39
N LYS A 12 -1.47 -4.61 13.44
CA LYS A 12 -1.50 -3.90 12.17
C LYS A 12 -2.07 -2.51 12.40
N MET A 13 -1.18 -1.54 12.62
CA MET A 13 -1.57 -0.21 13.05
C MET A 13 -1.82 0.67 11.83
N SER A 14 -3.04 1.16 11.70
CA SER A 14 -3.38 2.14 10.68
C SER A 14 -3.32 3.54 11.27
N HIS A 15 -3.00 4.52 10.42
CA HIS A 15 -3.17 5.90 10.80
C HIS A 15 -4.66 6.15 11.05
N PRO A 16 -4.99 7.16 11.85
CA PRO A 16 -6.40 7.57 11.93
C PRO A 16 -6.86 8.13 10.60
N SER A 17 -8.13 7.88 10.28
CA SER A 17 -8.64 8.12 8.94
C SER A 17 -9.49 9.38 8.82
N GLY A 18 -9.71 10.11 9.92
CA GLY A 18 -10.64 11.22 9.88
C GLY A 18 -10.34 12.23 8.80
N ASP A 19 -9.07 12.63 8.67
CA ASP A 19 -8.70 13.64 7.68
C ASP A 19 -9.02 13.19 6.27
N VAL A 20 -8.88 11.91 5.98
CA VAL A 20 -9.13 11.39 4.64
C VAL A 20 -10.62 11.19 4.40
N GLU A 21 -11.34 10.75 5.44
CA GLU A 21 -12.80 10.58 5.30
C GLU A 21 -13.45 11.84 4.75
N ALA A 22 -12.99 13.01 5.19
CA ALA A 22 -13.56 14.26 4.72
C ALA A 22 -13.24 14.56 3.27
N CYS A 23 -12.42 13.72 2.62
CA CYS A 23 -11.98 13.96 1.26
C CYS A 23 -12.59 12.97 0.26
N MET A 24 -13.54 12.14 0.69
CA MET A 24 -14.11 11.11 -0.17
C MET A 24 -15.44 11.57 -0.74
N VAL A 25 -15.61 11.36 -2.05
CA VAL A 25 -16.85 11.68 -2.75
C VAL A 25 -17.25 10.48 -3.60
N GLN A 26 -18.52 10.46 -4.00
CA GLN A 26 -19.01 9.53 -4.99
C GLN A 26 -18.94 10.18 -6.37
N VAL A 27 -18.34 9.48 -7.32
CA VAL A 27 -18.28 9.94 -8.71
C VAL A 27 -18.88 8.87 -9.59
N THR A 28 -19.66 9.29 -10.58
CA THR A 28 -20.25 8.35 -11.53
C THR A 28 -20.36 9.04 -12.89
N CYS A 29 -20.25 8.23 -13.94
CA CYS A 29 -20.47 8.68 -15.31
C CYS A 29 -21.79 8.21 -15.89
N GLY A 30 -22.54 7.40 -15.13
CA GLY A 30 -23.79 6.82 -15.62
C GLY A 30 -23.75 5.31 -15.72
N SER A 31 -22.58 4.73 -15.88
CA SER A 31 -22.46 3.27 -15.96
C SER A 31 -21.92 2.73 -14.64
N MET A 32 -20.65 2.95 -14.40
CA MET A 32 -19.99 2.50 -13.18
C MET A 32 -20.02 3.60 -12.13
N THR A 33 -20.02 3.19 -10.87
CA THR A 33 -19.95 4.10 -9.74
C THR A 33 -18.80 3.67 -8.84
N LEU A 34 -18.04 4.65 -8.36
CA LEU A 34 -16.90 4.39 -7.51
C LEU A 34 -16.60 5.67 -6.73
N ASN A 35 -15.40 5.76 -6.15
CA ASN A 35 -15.07 6.80 -5.20
C ASN A 35 -13.99 7.72 -5.75
N GLY A 36 -14.02 8.97 -5.29
CA GLY A 36 -13.02 9.94 -5.69
C GLY A 36 -12.46 10.68 -4.50
N LEU A 37 -11.28 11.25 -4.68
CA LEU A 37 -10.57 11.97 -3.63
C LEU A 37 -10.64 13.47 -3.92
N TRP A 38 -11.27 14.21 -3.01
CA TRP A 38 -11.49 15.64 -3.19
C TRP A 38 -10.46 16.42 -2.36
N LEU A 39 -9.61 17.17 -3.05
CA LEU A 39 -8.60 18.01 -2.40
C LEU A 39 -8.55 19.34 -3.15
N ASP A 40 -8.71 20.44 -2.43
CA ASP A 40 -8.81 21.75 -3.08
C ASP A 40 -9.92 21.70 -4.12
N ASN A 41 -9.69 22.26 -5.30
CA ASN A 41 -10.66 22.25 -6.39
C ASN A 41 -10.49 21.05 -7.31
N THR A 42 -9.92 19.95 -6.82
CA THR A 42 -9.63 18.78 -7.64
C THR A 42 -10.27 17.54 -7.05
N VAL A 43 -10.75 16.66 -7.92
CA VAL A 43 -11.27 15.35 -7.52
C VAL A 43 -10.56 14.29 -8.37
N TRP A 44 -9.83 13.39 -7.71
CA TRP A 44 -9.16 12.29 -8.37
C TRP A 44 -10.00 11.03 -8.25
N CYS A 45 -10.06 10.24 -9.33
CA CYS A 45 -10.78 8.99 -9.32
C CYS A 45 -10.24 8.10 -10.43
N PRO A 46 -10.47 6.78 -10.35
CA PRO A 46 -10.02 5.90 -11.43
C PRO A 46 -10.71 6.22 -12.74
N ARG A 47 -10.00 5.98 -13.84
CA ARG A 47 -10.52 6.39 -15.13
C ARG A 47 -11.52 5.39 -15.71
N HIS A 48 -11.58 4.17 -15.19
CA HIS A 48 -12.56 3.24 -15.74
C HIS A 48 -13.98 3.57 -15.27
N VAL A 49 -14.17 4.67 -14.54
CA VAL A 49 -15.52 5.16 -14.30
C VAL A 49 -16.18 5.54 -15.62
N MET A 50 -15.37 5.89 -16.62
CA MET A 50 -15.91 6.22 -17.94
C MET A 50 -16.31 4.96 -18.70
N CYS A 51 -15.70 3.83 -18.39
CA CYS A 51 -15.92 2.63 -19.18
CA CYS A 51 -15.92 2.62 -19.17
C CYS A 51 -17.38 2.19 -19.10
N PRO A 52 -17.98 1.80 -20.22
CA PRO A 52 -19.23 1.03 -20.14
C PRO A 52 -18.91 -0.39 -19.73
N ALA A 53 -19.83 -1.01 -19.00
CA ALA A 53 -19.59 -2.38 -18.57
C ALA A 53 -19.44 -3.34 -19.75
N ASP A 54 -19.85 -2.94 -20.96
CA ASP A 54 -19.65 -3.72 -22.17
C ASP A 54 -18.32 -3.42 -22.84
N GLN A 55 -17.33 -2.96 -22.07
CA GLN A 55 -16.02 -2.65 -22.67
C GLN A 55 -14.91 -2.58 -21.63
N LEU A 56 -15.08 -3.12 -20.41
CA LEU A 56 -14.04 -3.10 -19.40
C LEU A 56 -12.81 -3.92 -19.77
N SER A 57 -12.88 -4.71 -20.83
CA SER A 57 -11.79 -5.61 -21.20
CA SER A 57 -11.79 -5.61 -21.21
C SER A 57 -10.89 -5.05 -22.29
N ASP A 58 -11.41 -4.21 -23.18
CA ASP A 58 -10.62 -3.60 -24.25
C ASP A 58 -11.09 -2.17 -24.47
N PRO A 59 -11.04 -1.33 -23.43
CA PRO A 59 -11.48 0.05 -23.57
C PRO A 59 -10.41 0.94 -24.16
N ASN A 60 -10.85 1.96 -24.88
CA ASN A 60 -9.96 3.01 -25.38
C ASN A 60 -10.29 4.27 -24.59
N TYR A 61 -9.48 4.55 -23.58
CA TYR A 61 -9.75 5.68 -22.70
C TYR A 61 -9.58 7.02 -23.40
N ASP A 62 -8.62 7.12 -24.33
CA ASP A 62 -8.50 8.33 -25.14
C ASP A 62 -9.82 8.65 -25.82
N ALA A 63 -10.46 7.65 -26.44
CA ALA A 63 -11.73 7.89 -27.12
C ALA A 63 -12.86 8.14 -26.13
N LEU A 64 -12.89 7.39 -25.02
CA LEU A 64 -13.92 7.61 -24.02
C LEU A 64 -13.82 9.01 -23.42
N LEU A 65 -12.59 9.46 -23.12
CA LEU A 65 -12.41 10.78 -22.54
C LEU A 65 -12.93 11.87 -23.46
N ILE A 66 -12.60 11.80 -24.74
CA ILE A 66 -13.06 12.81 -25.68
C ILE A 66 -14.57 12.76 -25.83
N SER A 67 -15.17 11.57 -25.67
CA SER A 67 -16.62 11.47 -25.65
C SER A 67 -17.22 12.09 -24.39
N MET A 68 -16.41 12.41 -23.39
CA MET A 68 -16.90 13.00 -22.15
C MET A 68 -16.86 14.53 -22.24
N THR A 69 -17.84 15.17 -21.63
CA THR A 69 -17.84 16.60 -21.37
C THR A 69 -17.89 16.82 -19.86
N ASN A 70 -17.94 18.09 -19.45
CA ASN A 70 -17.85 18.38 -18.02
C ASN A 70 -19.03 17.81 -17.26
N HIS A 71 -20.24 17.89 -17.82
CA HIS A 71 -21.43 17.39 -17.12
C HIS A 71 -21.67 15.91 -17.35
N SER A 72 -20.69 15.18 -17.90
CA SER A 72 -20.73 13.73 -17.90
C SER A 72 -20.35 13.13 -16.56
N PHE A 73 -19.79 13.93 -15.66
CA PHE A 73 -19.32 13.48 -14.36
C PHE A 73 -20.22 14.06 -13.27
N SER A 74 -20.63 13.20 -12.33
CA SER A 74 -21.48 13.60 -11.21
C SER A 74 -20.76 13.27 -9.92
N VAL A 75 -20.44 14.30 -9.14
CA VAL A 75 -19.67 14.18 -7.91
C VAL A 75 -20.57 14.52 -6.74
N GLN A 76 -20.59 13.62 -5.74
CA GLN A 76 -21.44 13.79 -4.57
C GLN A 76 -20.67 13.44 -3.32
N LYS A 77 -20.99 14.13 -2.23
CA LYS A 77 -20.49 13.83 -0.90
C LYS A 77 -21.65 13.36 -0.01
N HIS A 78 -21.36 12.43 0.88
CA HIS A 78 -22.36 11.90 1.80
C HIS A 78 -21.91 12.04 3.24
N ALA A 83 -22.79 16.91 -0.55
CA ALA A 83 -23.48 17.81 -1.46
C ALA A 83 -23.30 17.35 -2.90
N ASN A 84 -23.48 18.27 -3.84
CA ASN A 84 -23.22 18.03 -5.25
C ASN A 84 -22.21 19.06 -5.74
N LEU A 85 -21.10 18.58 -6.28
CA LEU A 85 -20.04 19.44 -6.82
C LEU A 85 -20.17 19.50 -8.33
N ARG A 86 -20.21 20.71 -8.87
CA ARG A 86 -20.27 20.90 -10.31
C ARG A 86 -18.88 20.76 -10.91
N VAL A 87 -18.75 19.94 -11.93
CA VAL A 87 -17.47 19.75 -12.60
C VAL A 87 -17.30 20.84 -13.65
N VAL A 88 -16.13 21.48 -13.63
CA VAL A 88 -15.81 22.56 -14.56
C VAL A 88 -14.58 22.27 -15.41
N GLY A 89 -13.92 21.13 -15.18
CA GLY A 89 -12.77 20.76 -15.98
C GLY A 89 -12.44 19.29 -15.77
N HIS A 90 -12.11 18.58 -16.86
CA HIS A 90 -11.83 17.16 -16.78
C HIS A 90 -10.59 16.85 -17.61
N ALA A 91 -9.68 16.08 -17.03
CA ALA A 91 -8.46 15.69 -17.72
C ALA A 91 -8.07 14.29 -17.25
N MET A 92 -7.29 13.60 -18.08
CA MET A 92 -6.80 12.26 -17.78
C MET A 92 -5.30 12.30 -17.61
N GLN A 93 -4.81 11.66 -16.55
CA GLN A 93 -3.39 11.52 -16.26
C GLN A 93 -3.12 10.04 -16.01
N GLY A 94 -2.55 9.36 -17.00
CA GLY A 94 -2.31 7.94 -16.86
C GLY A 94 -3.62 7.20 -16.69
N THR A 95 -3.76 6.49 -15.56
CA THR A 95 -4.95 5.71 -15.26
C THR A 95 -5.88 6.43 -14.29
N LEU A 96 -5.73 7.74 -14.14
CA LEU A 96 -6.58 8.52 -13.25
C LEU A 96 -7.19 9.69 -14.01
N LEU A 97 -8.34 10.15 -13.53
CA LEU A 97 -8.99 11.35 -14.02
C LEU A 97 -8.78 12.49 -13.04
N LYS A 98 -8.60 13.70 -13.57
CA LYS A 98 -8.33 14.90 -12.79
C LYS A 98 -9.49 15.87 -13.06
N LEU A 99 -10.55 15.73 -12.29
CA LEU A 99 -11.73 16.57 -12.44
C LEU A 99 -11.59 17.83 -11.60
N THR A 100 -12.12 18.94 -12.12
CA THR A 100 -12.08 20.23 -11.45
C THR A 100 -13.50 20.64 -11.08
N VAL A 101 -13.70 20.99 -9.82
CA VAL A 101 -15.02 21.32 -9.30
C VAL A 101 -15.04 22.76 -8.84
N ASP A 102 -16.23 23.35 -8.85
CA ASP A 102 -16.39 24.77 -8.51
C ASP A 102 -16.22 25.07 -7.03
N VAL A 103 -16.04 24.05 -6.19
CA VAL A 103 -15.94 24.24 -4.75
C VAL A 103 -14.70 23.52 -4.24
N ALA A 104 -13.89 24.23 -3.46
CA ALA A 104 -12.73 23.62 -2.84
C ALA A 104 -13.12 22.93 -1.55
N ASN A 105 -12.55 21.75 -1.30
CA ASN A 105 -12.84 21.02 -0.08
C ASN A 105 -12.38 21.85 1.12
N PRO A 106 -13.29 22.44 1.89
CA PRO A 106 -12.85 23.28 3.01
C PRO A 106 -12.12 22.51 4.08
N SER A 107 -12.23 21.18 4.07
CA SER A 107 -11.53 20.32 5.00
C SER A 107 -10.26 19.74 4.40
N THR A 108 -9.77 20.32 3.31
CA THR A 108 -8.57 19.80 2.67
C THR A 108 -7.42 19.75 3.66
N PRO A 109 -6.79 18.59 3.86
CA PRO A 109 -5.62 18.53 4.73
C PRO A 109 -4.38 19.06 4.02
N ALA A 110 -3.32 19.23 4.80
CA ALA A 110 -2.00 19.40 4.22
C ALA A 110 -1.53 18.05 3.69
N TYR A 111 -1.24 17.99 2.39
CA TYR A 111 -1.04 16.71 1.74
C TYR A 111 0.09 16.79 0.72
N THR A 112 0.59 15.61 0.37
CA THR A 112 1.53 15.45 -0.73
C THR A 112 1.18 14.15 -1.46
N PHE A 113 1.63 14.06 -2.70
CA PHE A 113 1.54 12.84 -3.48
C PHE A 113 2.92 12.21 -3.54
N THR A 114 3.00 10.91 -3.22
CA THR A 114 4.28 10.23 -3.23
C THR A 114 4.05 8.76 -3.57
N THR A 115 5.06 8.15 -4.19
CA THR A 115 5.01 6.74 -4.52
C THR A 115 5.56 5.92 -3.37
N VAL A 116 4.89 4.81 -3.07
CA VAL A 116 5.33 3.89 -2.04
C VAL A 116 6.18 2.81 -2.70
N LYS A 117 7.15 2.31 -1.95
CA LYS A 117 8.08 1.31 -2.46
C LYS A 117 7.83 -0.04 -1.79
N PRO A 118 8.24 -1.13 -2.43
CA PRO A 118 8.03 -2.45 -1.83
C PRO A 118 8.55 -2.50 -0.40
N GLY A 119 7.84 -3.26 0.43
CA GLY A 119 8.16 -3.42 1.84
C GLY A 119 7.52 -2.39 2.75
N ALA A 120 7.46 -1.14 2.30
CA ALA A 120 6.88 -0.08 3.11
C ALA A 120 5.39 -0.30 3.30
N ALA A 121 4.87 0.24 4.38
CA ALA A 121 3.47 0.11 4.74
C ALA A 121 2.74 1.43 4.53
N PHE A 122 1.42 1.34 4.39
CA PHE A 122 0.59 2.52 4.32
C PHE A 122 -0.83 2.13 4.71
N SER A 123 -1.63 3.13 5.03
CA SER A 123 -2.99 2.92 5.51
C SER A 123 -3.97 3.13 4.37
N VAL A 124 -4.96 2.24 4.28
CA VAL A 124 -5.98 2.29 3.25
C VAL A 124 -7.31 2.64 3.89
N LEU A 125 -8.08 3.49 3.23
CA LEU A 125 -9.46 3.78 3.59
C LEU A 125 -10.35 3.18 2.52
N ALA A 126 -10.95 2.02 2.82
CA ALA A 126 -11.85 1.37 1.88
C ALA A 126 -13.22 2.06 1.94
N CYS A 127 -13.69 2.52 0.79
CA CYS A 127 -14.94 3.24 0.69
C CYS A 127 -15.84 2.57 -0.33
N TYR A 128 -17.14 2.90 -0.26
CA TYR A 128 -18.13 2.40 -1.19
C TYR A 128 -19.20 3.47 -1.36
N ASN A 129 -19.53 3.78 -2.62
CA ASN A 129 -20.47 4.85 -2.94
C ASN A 129 -20.03 6.18 -2.32
N GLY A 130 -18.72 6.35 -2.11
CA GLY A 130 -18.21 7.53 -1.46
C GLY A 130 -18.32 7.52 0.06
N ARG A 131 -18.82 6.44 0.65
CA ARG A 131 -19.02 6.36 2.09
C ARG A 131 -17.94 5.49 2.71
N PRO A 132 -17.01 6.05 3.49
CA PRO A 132 -15.98 5.22 4.12
C PRO A 132 -16.58 4.11 4.97
N THR A 133 -16.08 2.89 4.79
CA THR A 133 -16.61 1.71 5.45
C THR A 133 -15.59 0.95 6.30
N GLY A 134 -14.30 1.19 6.10
CA GLY A 134 -13.29 0.47 6.85
C GLY A 134 -11.89 0.93 6.53
N THR A 135 -10.97 0.75 7.47
CA THR A 135 -9.58 1.12 7.26
C THR A 135 -8.69 -0.04 7.71
N PHE A 136 -7.57 -0.19 6.99
CA PHE A 136 -6.59 -1.23 7.27
C PHE A 136 -5.23 -0.73 6.83
N THR A 137 -4.21 -1.57 7.00
CA THR A 137 -2.85 -1.24 6.58
C THR A 137 -2.22 -2.41 5.86
N VAL A 138 -1.52 -2.11 4.76
CA VAL A 138 -0.88 -3.12 3.93
C VAL A 138 0.58 -2.73 3.74
N VAL A 139 1.36 -3.69 3.24
CA VAL A 139 2.72 -3.46 2.80
C VAL A 139 2.75 -3.68 1.29
N MET A 140 3.39 -2.76 0.58
CA MET A 140 3.55 -2.93 -0.86
C MET A 140 4.44 -4.14 -1.13
N ARG A 141 3.88 -5.15 -1.78
CA ARG A 141 4.62 -6.37 -2.03
C ARG A 141 5.71 -6.14 -3.09
N PRO A 142 6.77 -6.95 -3.06
CA PRO A 142 7.79 -6.87 -4.11
C PRO A 142 7.26 -6.90 -5.53
N ASN A 143 6.19 -7.64 -5.80
CA ASN A 143 5.59 -7.68 -7.13
C ASN A 143 4.57 -6.57 -7.35
N TYR A 144 4.60 -5.53 -6.50
CA TYR A 144 3.76 -4.34 -6.66
C TYR A 144 2.27 -4.71 -6.67
N THR A 145 1.89 -5.57 -5.73
CA THR A 145 0.50 -5.81 -5.36
C THR A 145 0.37 -5.58 -3.86
N ILE A 146 -0.85 -5.73 -3.36
CA ILE A 146 -1.11 -5.70 -1.93
C ILE A 146 -2.12 -6.80 -1.61
N LYS A 147 -2.06 -7.30 -0.38
CA LYS A 147 -2.98 -8.33 0.10
C LYS A 147 -4.08 -7.62 0.90
N GLY A 148 -4.97 -6.95 0.17
CA GLY A 148 -5.98 -6.11 0.75
C GLY A 148 -7.31 -6.82 0.91
N SER A 149 -8.38 -6.01 0.99
CA SER A 149 -9.74 -6.53 1.15
C SER A 149 -10.67 -5.56 0.44
N PHE A 150 -10.84 -5.77 -0.86
CA PHE A 150 -11.66 -4.93 -1.72
C PHE A 150 -12.71 -5.78 -2.43
N LEU A 151 -13.88 -5.16 -2.65
CA LEU A 151 -14.97 -5.76 -3.42
C LEU A 151 -15.37 -4.81 -4.54
N CYS A 152 -16.45 -5.13 -5.24
CA CYS A 152 -16.92 -4.27 -6.32
C CYS A 152 -17.39 -2.93 -5.75
N GLY A 153 -17.09 -1.86 -6.48
CA GLY A 153 -17.42 -0.51 -6.04
C GLY A 153 -16.44 0.10 -5.06
N SER A 154 -15.33 -0.59 -4.77
CA SER A 154 -14.32 -0.05 -3.88
C SER A 154 -13.26 0.76 -4.60
N CYS A 155 -13.21 0.73 -5.93
CA CYS A 155 -12.19 1.47 -6.65
C CYS A 155 -12.28 2.95 -6.29
N GLY A 156 -11.12 3.61 -6.30
CA GLY A 156 -11.01 4.95 -5.78
C GLY A 156 -10.70 5.02 -4.29
N SER A 157 -10.97 3.96 -3.54
CA SER A 157 -10.47 3.86 -2.18
C SER A 157 -8.97 4.14 -2.17
N VAL A 158 -8.53 4.91 -1.19
CA VAL A 158 -7.19 5.51 -1.23
C VAL A 158 -6.28 4.88 -0.19
N GLY A 159 -4.98 5.11 -0.37
CA GLY A 159 -3.95 4.61 0.51
C GLY A 159 -2.94 5.70 0.79
N TYR A 160 -2.51 5.82 2.05
CA TYR A 160 -1.82 7.03 2.49
C TYR A 160 -0.93 6.75 3.69
N THR A 161 0.20 7.44 3.73
CA THR A 161 1.07 7.49 4.89
C THR A 161 1.01 8.89 5.49
N LYS A 162 1.45 9.01 6.73
CA LYS A 162 1.39 10.26 7.47
C LYS A 162 2.78 10.61 7.98
N GLU A 163 3.21 11.84 7.73
CA GLU A 163 4.45 12.38 8.27
C GLU A 163 4.10 13.69 8.98
N GLY A 164 3.92 13.62 10.30
CA GLY A 164 3.46 14.78 11.04
C GLY A 164 1.99 15.03 10.76
N SER A 165 1.65 16.29 10.49
CA SER A 165 0.30 16.67 10.14
C SER A 165 0.06 16.64 8.63
N VAL A 166 0.88 15.90 7.89
CA VAL A 166 0.85 15.89 6.43
C VAL A 166 0.46 14.50 5.95
N ILE A 167 -0.50 14.44 5.04
CA ILE A 167 -0.96 13.18 4.44
C ILE A 167 -0.23 12.99 3.12
N ASN A 168 0.57 11.93 3.03
CA ASN A 168 1.25 11.56 1.80
C ASN A 168 0.38 10.50 1.11
N PHE A 169 -0.38 10.93 0.10
CA PHE A 169 -1.21 10.00 -0.66
C PHE A 169 -0.34 9.17 -1.58
N CYS A 170 -0.62 7.86 -1.64
CA CYS A 170 0.25 6.95 -2.37
C CYS A 170 -0.45 5.87 -3.18
N TYR A 171 -1.77 5.76 -3.13
CA TYR A 171 -2.42 4.60 -3.74
C TYR A 171 -3.89 4.90 -3.97
N MET A 172 -4.34 4.76 -5.21
CA MET A 172 -5.76 4.78 -5.56
C MET A 172 -6.11 3.43 -6.16
N HIS A 173 -7.05 2.72 -5.53
CA HIS A 173 -7.32 1.34 -5.87
C HIS A 173 -7.94 1.23 -7.26
N GLN A 174 -7.55 0.18 -7.99
CA GLN A 174 -8.00 0.01 -9.36
C GLN A 174 -8.62 -1.36 -9.63
N MET A 175 -7.96 -2.44 -9.22
CA MET A 175 -8.42 -3.76 -9.64
C MET A 175 -7.86 -4.86 -8.75
N GLU A 176 -8.40 -6.05 -8.93
CA GLU A 176 -7.95 -7.27 -8.27
C GLU A 176 -7.36 -8.22 -9.31
N LEU A 177 -6.39 -9.02 -8.88
CA LEU A 177 -5.72 -9.96 -9.76
C LEU A 177 -6.27 -11.37 -9.56
N ALA A 178 -5.81 -12.29 -10.41
CA ALA A 178 -6.36 -13.65 -10.41
C ALA A 178 -6.15 -14.34 -9.07
N ASN A 179 -5.11 -13.98 -8.32
CA ASN A 179 -4.73 -14.69 -7.10
C ASN A 179 -5.35 -14.09 -5.85
N GLY A 180 -6.20 -13.07 -5.98
CA GLY A 180 -6.85 -12.47 -4.85
C GLY A 180 -6.19 -11.20 -4.35
N THR A 181 -4.95 -10.93 -4.75
CA THR A 181 -4.28 -9.70 -4.34
C THR A 181 -4.81 -8.53 -5.15
N HIS A 182 -4.26 -7.35 -4.88
CA HIS A 182 -4.80 -6.10 -5.41
C HIS A 182 -3.67 -5.17 -5.83
N THR A 183 -4.03 -4.17 -6.62
CA THR A 183 -3.08 -3.15 -7.05
C THR A 183 -3.85 -1.94 -7.56
N GLY A 184 -3.15 -0.84 -7.68
CA GLY A 184 -3.75 0.41 -8.09
C GLY A 184 -2.69 1.37 -8.54
N SER A 185 -3.09 2.63 -8.69
CA SER A 185 -2.24 3.65 -9.28
C SER A 185 -1.77 4.65 -8.22
N ALA A 186 -0.54 5.11 -8.37
CA ALA A 186 -0.09 6.30 -7.67
C ALA A 186 -0.76 7.53 -8.29
N PHE A 187 -0.65 8.66 -7.59
CA PHE A 187 -1.35 9.86 -8.00
C PHE A 187 -0.56 10.68 -9.02
N ASP A 188 0.49 10.11 -9.60
CA ASP A 188 1.06 10.62 -10.83
C ASP A 188 0.42 10.01 -12.08
N GLY A 189 -0.41 8.97 -11.91
CA GLY A 189 -1.12 8.34 -13.00
C GLY A 189 -0.74 6.91 -13.27
N THR A 190 0.44 6.48 -12.83
CA THR A 190 0.93 5.15 -13.15
C THR A 190 0.34 4.10 -12.20
N MET A 191 0.19 2.88 -12.71
CA MET A 191 -0.05 1.72 -11.85
C MET A 191 1.27 1.25 -11.27
N TYR A 192 1.21 0.69 -10.07
CA TYR A 192 2.37 0.03 -9.52
C TYR A 192 2.64 -1.26 -10.28
N GLY A 193 3.92 -1.63 -10.37
CA GLY A 193 4.25 -2.80 -11.18
C GLY A 193 3.79 -2.60 -12.61
N ALA A 194 3.92 -3.68 -13.39
CA ALA A 194 3.65 -3.66 -14.82
C ALA A 194 2.18 -3.79 -15.18
N PHE A 195 1.27 -3.42 -14.30
CA PHE A 195 -0.14 -3.69 -14.52
C PHE A 195 -0.78 -2.59 -15.36
N MET A 196 -1.91 -2.94 -15.97
CA MET A 196 -2.71 -2.05 -16.79
C MET A 196 -4.16 -2.18 -16.36
N ASP A 197 -4.85 -1.04 -16.25
CA ASP A 197 -6.23 -1.04 -15.76
C ASP A 197 -7.18 -1.48 -16.89
N LYS A 198 -7.03 -2.75 -17.27
CA LYS A 198 -7.93 -3.40 -18.21
C LYS A 198 -8.29 -4.78 -17.66
N GLN A 199 -9.55 -5.16 -17.79
CA GLN A 199 -10.06 -6.39 -17.18
C GLN A 199 -9.77 -7.58 -18.08
N VAL A 200 -8.49 -7.94 -18.16
CA VAL A 200 -8.03 -9.09 -18.90
C VAL A 200 -6.97 -9.80 -18.06
N HIS A 201 -6.58 -10.99 -18.53
CA HIS A 201 -5.51 -11.73 -17.87
C HIS A 201 -4.20 -10.99 -18.03
N GLN A 202 -3.49 -10.82 -16.91
CA GLN A 202 -2.19 -10.16 -16.90
C GLN A 202 -1.20 -11.04 -16.17
N VAL A 203 0.00 -11.17 -16.74
CA VAL A 203 1.06 -11.91 -16.07
C VAL A 203 1.37 -11.24 -14.74
N GLN A 204 1.46 -12.05 -13.69
CA GLN A 204 1.84 -11.57 -12.37
C GLN A 204 3.24 -12.06 -12.06
N LEU A 205 4.03 -11.17 -11.45
CA LEU A 205 5.39 -11.54 -11.07
C LEU A 205 5.38 -12.29 -9.75
N THR A 206 6.46 -13.03 -9.50
CA THR A 206 6.57 -13.75 -8.24
C THR A 206 6.80 -12.76 -7.10
N ASP A 207 6.08 -12.98 -6.00
CA ASP A 207 6.30 -12.22 -4.79
C ASP A 207 7.55 -12.74 -4.08
N LYS A 208 8.02 -11.97 -3.10
CA LYS A 208 9.20 -12.34 -2.34
C LYS A 208 9.04 -11.89 -0.90
N TYR A 209 9.74 -12.59 -0.01
CA TYR A 209 9.87 -12.11 1.36
C TYR A 209 10.63 -10.80 1.38
N CYS A 210 10.12 -9.84 2.14
CA CYS A 210 10.81 -8.56 2.31
CA CYS A 210 10.82 -8.57 2.31
C CYS A 210 11.87 -8.74 3.39
N SER A 211 13.14 -8.81 2.98
CA SER A 211 14.23 -9.10 3.92
CA SER A 211 14.22 -9.11 3.92
C SER A 211 14.24 -8.11 5.08
N VAL A 212 14.09 -6.82 4.78
CA VAL A 212 14.19 -5.81 5.83
C VAL A 212 13.06 -5.99 6.85
N ASN A 213 11.85 -6.31 6.39
CA ASN A 213 10.72 -6.46 7.29
C ASN A 213 10.81 -7.73 8.12
N VAL A 214 11.53 -8.75 7.63
CA VAL A 214 11.74 -9.95 8.44
C VAL A 214 12.76 -9.67 9.53
N VAL A 215 13.77 -8.85 9.24
CA VAL A 215 14.73 -8.45 10.26
C VAL A 215 14.04 -7.64 11.34
N ALA A 216 13.22 -6.66 10.93
CA ALA A 216 12.43 -5.91 11.90
C ALA A 216 11.63 -6.83 12.80
N TRP A 217 11.05 -7.88 12.23
CA TRP A 217 10.28 -8.83 13.02
C TRP A 217 11.17 -9.61 13.97
N LEU A 218 12.30 -10.11 13.47
CA LEU A 218 13.21 -10.86 14.34
C LEU A 218 13.72 -9.97 15.47
N TYR A 219 13.95 -8.69 15.20
CA TYR A 219 14.27 -7.75 16.27
C TYR A 219 13.11 -7.60 17.24
N ALA A 220 11.88 -7.49 16.71
CA ALA A 220 10.71 -7.39 17.57
C ALA A 220 10.62 -8.57 18.53
N ALA A 221 11.06 -9.75 18.09
CA ALA A 221 11.02 -10.92 18.97
C ALA A 221 12.04 -10.82 20.10
N ILE A 222 13.21 -10.26 19.81
CA ILE A 222 14.22 -10.08 20.86
C ILE A 222 13.72 -9.09 21.91
N LEU A 223 13.07 -8.01 21.45
CA LEU A 223 12.52 -7.02 22.37
C LEU A 223 11.41 -7.59 23.25
N ASN A 224 10.99 -8.83 23.02
CA ASN A 224 9.99 -9.50 23.85
C ASN A 224 10.57 -10.68 24.62
N GLY A 225 11.90 -10.85 24.60
CA GLY A 225 12.54 -11.93 25.33
C GLY A 225 12.77 -13.19 24.53
N CYS A 226 12.50 -13.18 23.23
CA CYS A 226 12.63 -14.34 22.36
C CYS A 226 13.88 -14.15 21.50
N ALA A 227 14.87 -15.01 21.69
CA ALA A 227 16.13 -14.87 20.97
C ALA A 227 16.87 -16.19 20.84
N TRP A 228 16.13 -17.31 20.80
CA TRP A 228 16.76 -18.61 20.60
C TRP A 228 17.42 -18.71 19.23
N PHE A 229 16.95 -17.94 18.25
CA PHE A 229 17.50 -17.96 16.91
C PHE A 229 18.81 -17.18 16.78
N VAL A 230 19.05 -16.23 17.68
CA VAL A 230 20.27 -15.42 17.62
C VAL A 230 21.45 -16.31 17.97
N LYS A 231 22.26 -16.64 16.96
CA LYS A 231 23.55 -17.27 17.19
C LYS A 231 24.66 -16.28 16.89
N PRO A 232 25.82 -16.40 17.56
CA PRO A 232 26.92 -15.47 17.28
C PRO A 232 27.34 -15.44 15.83
N ASN A 233 27.00 -16.45 15.04
CA ASN A 233 27.35 -16.45 13.62
C ASN A 233 26.75 -15.23 12.93
N ARG A 234 27.37 -14.84 11.82
CA ARG A 234 26.94 -13.66 11.08
C ARG A 234 27.00 -13.93 9.59
N THR A 235 26.16 -13.23 8.85
CA THR A 235 26.18 -13.26 7.39
C THR A 235 26.22 -11.82 6.90
N SER A 236 27.22 -11.51 6.05
CA SER A 236 27.34 -10.17 5.52
C SER A 236 26.16 -9.85 4.62
N VAL A 237 25.86 -8.55 4.49
CA VAL A 237 24.78 -8.12 3.61
C VAL A 237 25.04 -8.62 2.19
N VAL A 238 26.28 -8.45 1.72
CA VAL A 238 26.62 -8.91 0.38
C VAL A 238 26.30 -10.39 0.23
N SER A 239 26.79 -11.22 1.15
CA SER A 239 26.53 -12.65 1.06
C SER A 239 25.05 -12.95 1.21
N PHE A 240 24.33 -12.17 2.01
CA PHE A 240 22.90 -12.38 2.15
C PHE A 240 22.16 -12.03 0.85
N ASN A 241 22.51 -10.88 0.26
CA ASN A 241 21.84 -10.46 -0.98
C ASN A 241 22.08 -11.47 -2.10
N GLU A 242 23.32 -11.94 -2.23
CA GLU A 242 23.60 -13.00 -3.20
C GLU A 242 22.75 -14.23 -2.92
N TRP A 243 22.62 -14.60 -1.65
CA TRP A 243 21.75 -15.71 -1.27
C TRP A 243 20.29 -15.40 -1.56
N ALA A 244 19.88 -14.14 -1.35
CA ALA A 244 18.48 -13.78 -1.48
C ALA A 244 17.97 -13.94 -2.91
N LEU A 245 18.86 -13.77 -3.89
CA LEU A 245 18.42 -13.77 -5.29
C LEU A 245 18.04 -15.17 -5.77
N ALA A 246 18.65 -16.21 -5.20
CA ALA A 246 18.33 -17.58 -5.55
C ALA A 246 17.30 -18.21 -4.61
N ASN A 247 16.70 -17.41 -3.73
CA ASN A 247 15.80 -17.94 -2.71
C ASN A 247 14.50 -17.14 -2.57
N GLN A 248 14.22 -16.22 -3.51
CA GLN A 248 12.98 -15.46 -3.51
C GLN A 248 12.88 -14.53 -2.31
N PHE A 249 14.02 -13.99 -1.86
CA PHE A 249 14.06 -12.92 -0.87
C PHE A 249 14.46 -11.62 -1.56
N THR A 250 13.91 -10.51 -1.07
CA THR A 250 14.40 -9.22 -1.52
C THR A 250 15.85 -9.04 -1.07
N GLU A 251 16.49 -8.01 -1.59
CA GLU A 251 17.84 -7.66 -1.18
C GLU A 251 17.77 -6.64 -0.05
N PHE A 252 18.58 -6.86 0.98
CA PHE A 252 18.48 -6.07 2.20
C PHE A 252 19.18 -4.73 2.05
N VAL A 253 18.55 -3.68 2.58
CA VAL A 253 19.12 -2.34 2.61
C VAL A 253 18.85 -1.77 3.99
N GLY A 254 19.92 -1.48 4.74
CA GLY A 254 19.75 -1.00 6.09
C GLY A 254 19.30 0.45 6.15
N THR A 255 18.77 0.83 7.31
CA THR A 255 18.28 2.20 7.53
C THR A 255 18.59 2.60 8.96
N GLN A 256 18.45 3.90 9.23
CA GLN A 256 18.54 4.38 10.61
C GLN A 256 17.52 3.70 11.49
N SER A 257 16.35 3.35 10.93
CA SER A 257 15.34 2.67 11.74
C SER A 257 15.78 1.27 12.12
N VAL A 258 16.46 0.56 11.22
CA VAL A 258 17.00 -0.75 11.58
C VAL A 258 18.21 -0.58 12.48
N ASP A 259 19.06 0.41 12.21
CA ASP A 259 20.21 0.67 13.06
C ASP A 259 19.77 0.93 14.49
N MET A 260 18.72 1.75 14.68
CA MET A 260 18.20 1.97 16.03
C MET A 260 17.76 0.67 16.68
N LEU A 261 17.25 -0.28 15.90
CA LEU A 261 16.84 -1.55 16.46
C LEU A 261 18.03 -2.46 16.79
N ALA A 262 19.14 -2.30 16.07
CA ALA A 262 20.34 -3.04 16.43
C ALA A 262 21.02 -2.45 17.66
N VAL A 263 20.83 -1.15 17.90
CA VAL A 263 21.43 -0.52 19.07
C VAL A 263 20.70 -0.93 20.34
N LYS A 264 19.36 -0.95 20.28
CA LYS A 264 18.58 -1.26 21.49
C LYS A 264 18.81 -2.69 21.94
N THR A 265 18.94 -3.63 21.01
CA THR A 265 19.03 -5.04 21.35
C THR A 265 20.46 -5.53 21.47
N GLY A 266 21.44 -4.78 20.97
CA GLY A 266 22.79 -5.28 20.93
C GLY A 266 22.98 -6.50 20.07
N VAL A 267 22.07 -6.70 19.10
CA VAL A 267 22.14 -7.80 18.15
C VAL A 267 22.45 -7.22 16.78
N ALA A 268 23.51 -7.72 16.14
CA ALA A 268 23.93 -7.17 14.86
C ALA A 268 22.96 -7.59 13.75
N ILE A 269 22.82 -6.71 12.76
CA ILE A 269 21.97 -7.01 11.61
C ILE A 269 22.43 -8.30 10.94
N GLU A 270 23.75 -8.52 10.89
CA GLU A 270 24.28 -9.68 10.18
C GLU A 270 23.96 -10.97 10.93
N GLN A 271 24.00 -10.93 12.27
CA GLN A 271 23.57 -12.10 13.03
C GLN A 271 22.17 -12.53 12.60
N LEU A 272 21.28 -11.56 12.38
CA LEU A 272 19.92 -11.87 11.98
C LEU A 272 19.81 -12.28 10.52
N LEU A 273 20.65 -11.71 9.64
CA LEU A 273 20.72 -12.21 8.28
C LEU A 273 21.09 -13.69 8.28
N TYR A 274 22.11 -14.06 9.05
CA TYR A 274 22.42 -15.47 9.28
C TYR A 274 21.20 -16.20 9.80
N ALA A 275 20.48 -15.60 10.75
CA ALA A 275 19.31 -16.27 11.33
C ALA A 275 18.23 -16.52 10.29
N ILE A 276 18.04 -15.57 9.36
CA ILE A 276 17.02 -15.75 8.33
C ILE A 276 17.36 -16.91 7.41
N GLN A 277 18.65 -17.07 7.08
CA GLN A 277 19.07 -18.21 6.27
C GLN A 277 18.75 -19.52 6.99
N GLN A 278 18.99 -19.58 8.29
CA GLN A 278 18.70 -20.79 9.05
C GLN A 278 17.18 -21.03 9.12
N LEU A 279 16.43 -20.01 9.54
CA LEU A 279 14.99 -20.17 9.70
C LEU A 279 14.30 -20.48 8.38
N TYR A 280 14.81 -19.96 7.26
CA TYR A 280 14.17 -20.22 5.97
C TYR A 280 14.13 -21.71 5.68
N THR A 281 15.17 -22.44 6.06
CA THR A 281 15.19 -23.88 5.87
C THR A 281 14.26 -24.59 6.85
N GLY A 282 13.88 -23.93 7.95
CA GLY A 282 12.99 -24.53 8.91
C GLY A 282 13.15 -23.97 10.31
N PHE A 283 12.05 -23.80 11.03
CA PHE A 283 12.08 -23.32 12.41
C PHE A 283 12.46 -24.42 13.40
N GLN A 284 12.60 -25.66 12.96
CA GLN A 284 12.94 -26.77 13.84
C GLN A 284 11.88 -26.96 14.93
N GLY A 285 10.63 -26.71 14.59
CA GLY A 285 9.53 -26.91 15.51
C GLY A 285 9.35 -25.83 16.55
N LYS A 286 10.22 -24.84 16.61
CA LYS A 286 10.09 -23.75 17.56
C LYS A 286 9.20 -22.66 16.99
N GLN A 287 8.79 -21.74 17.87
CA GLN A 287 7.94 -20.63 17.49
C GLN A 287 8.68 -19.31 17.72
N ILE A 288 8.38 -18.33 16.88
CA ILE A 288 8.86 -16.96 17.02
C ILE A 288 7.64 -16.06 17.07
N LEU A 289 7.44 -15.38 18.20
CA LEU A 289 6.25 -14.56 18.40
C LEU A 289 4.99 -15.37 18.09
N GLY A 290 4.98 -16.62 18.55
CA GLY A 290 3.85 -17.49 18.32
C GLY A 290 3.64 -17.90 16.88
N SER A 291 4.67 -17.79 16.04
CA SER A 291 4.59 -18.13 14.62
C SER A 291 5.68 -19.13 14.27
N THR A 292 5.40 -19.95 13.26
CA THR A 292 6.35 -20.91 12.73
C THR A 292 6.75 -20.61 11.29
N MET A 293 6.41 -19.41 10.80
CA MET A 293 6.83 -18.96 9.49
C MET A 293 7.30 -17.52 9.61
N LEU A 294 8.20 -17.13 8.71
CA LEU A 294 8.77 -15.79 8.77
C LEU A 294 7.72 -14.74 8.44
N GLU A 295 7.68 -13.69 9.26
CA GLU A 295 6.74 -12.59 9.09
C GLU A 295 7.46 -11.42 8.44
N ASP A 296 6.84 -10.81 7.41
CA ASP A 296 7.44 -9.69 6.71
C ASP A 296 6.44 -8.56 6.50
N GLU A 297 5.35 -8.54 7.28
CA GLU A 297 4.34 -7.50 7.19
C GLU A 297 4.45 -6.46 8.30
N PHE A 298 5.59 -6.43 9.00
CA PHE A 298 5.88 -5.42 10.00
C PHE A 298 7.18 -4.73 9.62
N THR A 299 7.13 -3.41 9.50
CA THR A 299 8.30 -2.63 9.11
C THR A 299 9.15 -2.30 10.32
N PRO A 300 10.41 -1.90 10.11
CA PRO A 300 11.20 -1.38 11.24
C PRO A 300 10.52 -0.22 11.93
N GLU A 301 9.83 0.64 11.16
CA GLU A 301 9.13 1.77 11.76
C GLU A 301 7.99 1.28 12.66
N ASP A 302 7.23 0.29 12.20
CA ASP A 302 6.19 -0.29 13.04
C ASP A 302 6.76 -0.78 14.37
N VAL A 303 7.91 -1.47 14.31
CA VAL A 303 8.51 -2.00 15.53
C VAL A 303 9.02 -0.87 16.41
N ASN A 304 9.78 0.06 15.84
CA ASN A 304 10.23 1.22 16.59
C ASN A 304 9.06 1.95 17.24
N MET A 305 7.99 2.18 16.47
CA MET A 305 6.86 2.94 16.98
C MET A 305 6.11 2.18 18.07
N GLN A 306 5.55 1.02 17.72
CA GLN A 306 4.63 0.34 18.61
C GLN A 306 5.31 -0.20 19.86
N ILE A 307 6.57 -0.62 19.76
CA ILE A 307 7.25 -1.29 20.86
C ILE A 307 8.18 -0.34 21.61
N MET A 308 8.95 0.47 20.90
CA MET A 308 9.87 1.41 21.54
C MET A 308 9.28 2.80 21.70
N GLY A 309 8.11 3.08 21.12
CA GLY A 309 7.50 4.38 21.25
C GLY A 309 8.21 5.48 20.48
N VAL A 310 8.92 5.13 19.41
CA VAL A 310 9.79 6.05 18.70
C VAL A 310 9.28 6.20 17.28
N VAL A 311 8.67 7.35 16.98
CA VAL A 311 8.28 7.71 15.62
C VAL A 311 9.38 8.58 15.03
N MET A 312 9.61 8.44 13.73
CA MET A 312 10.65 9.21 13.05
C MET A 312 10.21 9.53 11.63
#